data_2DB0
#
_entry.id   2DB0
#
_cell.length_a   78.795
_cell.length_b   90.779
_cell.length_c   66.451
_cell.angle_alpha   90.00
_cell.angle_beta   90.00
_cell.angle_gamma   90.00
#
_symmetry.space_group_name_H-M   'P 21 21 2'
#
loop_
_entity.id
_entity.type
_entity.pdbx_description
1 polymer '253aa long hypothetical protein'
2 water water
#
_entity_poly.entity_id   1
_entity_poly.type   'polypeptide(L)'
_entity_poly.pdbx_seq_one_letter_code
;MSMEEEEFDIREALANGEHLEKILIMAKYDESVLKKLIELLDDDLWTVVKNAISIIMVIAKTREDLYEPMLKKLFSLLKK
SEAIPLTQEIAKAFGQMAKEKPELVKSMIPVLFANYRIGDEKTKINVSYALEEIAKANPMLMASIVRDFMSMLSSKNRED
KLTALNFIEAMGENSFKYVNPFLPRIINLLHDGDEIVRASAVEALVHLATLNDKLRKVVIKRLEELNDTSSLVNKTVKEG
ISRLLLLEGHSSS
;
_entity_poly.pdbx_strand_id   A,B
#
# COMPACT_ATOMS: atom_id res chain seq x y z
N ASP A 9 -52.51 18.51 -14.27
CA ASP A 9 -51.25 18.45 -15.03
C ASP A 9 -50.10 17.84 -14.14
N ILE A 10 -49.69 16.59 -14.46
CA ILE A 10 -48.84 15.69 -13.72
C ILE A 10 -47.57 16.34 -13.34
N ARG A 11 -46.95 17.00 -14.30
CA ARG A 11 -45.70 17.72 -14.17
C ARG A 11 -45.76 18.89 -13.22
N GLU A 12 -46.88 19.60 -13.25
CA GLU A 12 -46.94 20.81 -12.44
C GLU A 12 -47.30 20.46 -11.04
N ALA A 13 -48.07 19.43 -10.85
CA ALA A 13 -48.34 18.88 -9.53
C ALA A 13 -47.00 18.39 -8.94
N LEU A 14 -46.22 17.60 -9.67
CA LEU A 14 -44.84 17.18 -9.11
C LEU A 14 -43.97 18.32 -8.63
N ALA A 15 -44.02 19.43 -9.36
CA ALA A 15 -43.26 20.64 -8.99
C ALA A 15 -43.66 21.34 -7.73
N ASN A 16 -44.89 21.18 -7.28
CA ASN A 16 -45.42 21.74 -6.03
C ASN A 16 -45.71 20.62 -4.98
N GLY A 17 -45.23 19.40 -5.20
CA GLY A 17 -45.44 18.34 -4.26
C GLY A 17 -46.90 18.09 -3.98
N GLU A 18 -47.79 18.22 -4.95
CA GLU A 18 -49.23 18.02 -4.71
C GLU A 18 -49.72 16.72 -5.38
N HIS A 19 -50.73 16.13 -4.82
CA HIS A 19 -51.45 15.06 -5.41
C HIS A 19 -50.60 13.82 -5.56
N LEU A 20 -49.49 13.83 -4.85
CA LEU A 20 -48.54 12.77 -5.07
C LEU A 20 -49.15 11.36 -5.05
N GLU A 21 -50.00 11.06 -4.03
CA GLU A 21 -50.58 9.71 -3.89
C GLU A 21 -51.49 9.46 -5.08
N LYS A 22 -52.13 10.50 -5.48
CA LYS A 22 -52.98 10.43 -6.63
C LYS A 22 -52.12 9.84 -7.78
N ILE A 23 -51.21 10.69 -8.25
CA ILE A 23 -50.21 10.32 -9.28
C ILE A 23 -49.63 8.97 -9.08
N LEU A 24 -49.42 8.56 -7.87
CA LEU A 24 -48.85 7.25 -7.73
C LEU A 24 -49.83 6.16 -8.12
N ILE A 25 -51.07 6.39 -7.67
CA ILE A 25 -52.12 5.40 -7.89
C ILE A 25 -52.34 5.35 -9.42
N MET A 26 -52.35 6.49 -10.11
CA MET A 26 -52.58 6.52 -11.56
C MET A 26 -51.43 5.81 -12.36
N ALA A 27 -50.19 6.30 -12.10
CA ALA A 27 -48.99 5.64 -12.60
C ALA A 27 -49.06 4.19 -12.22
N LYS A 28 -49.50 3.80 -11.04
CA LYS A 28 -49.40 2.37 -10.78
C LYS A 28 -50.33 1.46 -11.64
N TYR A 29 -51.35 2.03 -12.34
CA TYR A 29 -52.48 1.31 -13.00
C TYR A 29 -52.50 1.50 -14.52
N ASP A 30 -52.02 2.67 -14.91
CA ASP A 30 -51.87 3.10 -16.27
C ASP A 30 -50.33 3.33 -16.61
N GLU A 31 -49.68 2.22 -16.99
CA GLU A 31 -48.47 2.27 -17.71
C GLU A 31 -48.08 3.58 -18.42
N SER A 32 -49.00 4.26 -19.09
CA SER A 32 -48.61 5.46 -19.88
C SER A 32 -48.25 6.68 -18.99
N VAL A 33 -48.86 6.68 -17.83
CA VAL A 33 -48.38 7.50 -16.64
C VAL A 33 -46.99 7.07 -16.02
N LEU A 34 -46.81 5.81 -15.68
CA LEU A 34 -45.52 5.34 -15.30
C LEU A 34 -44.44 5.88 -16.23
N LYS A 35 -44.69 5.86 -17.58
CA LYS A 35 -43.70 6.24 -18.62
C LYS A 35 -43.54 7.66 -18.59
N LYS A 36 -44.60 8.34 -18.29
CA LYS A 36 -44.47 9.79 -18.14
C LYS A 36 -43.59 10.26 -16.98
N LEU A 37 -43.82 9.70 -15.86
CA LEU A 37 -42.96 9.98 -14.69
C LEU A 37 -41.51 9.62 -14.99
N ILE A 38 -41.26 8.53 -15.71
CA ILE A 38 -39.86 8.18 -16.00
C ILE A 38 -39.24 9.29 -16.81
N GLU A 39 -40.03 9.84 -17.72
CA GLU A 39 -39.52 10.81 -18.69
C GLU A 39 -39.31 12.06 -18.00
N LEU A 40 -40.18 12.37 -17.05
CA LEU A 40 -39.95 13.61 -16.22
C LEU A 40 -38.68 13.59 -15.23
N LEU A 41 -38.05 12.45 -15.08
CA LEU A 41 -36.72 12.40 -14.44
C LEU A 41 -35.73 13.28 -15.10
N ASP A 42 -35.95 13.65 -16.37
CA ASP A 42 -35.00 14.49 -17.05
C ASP A 42 -35.22 15.96 -16.99
N ASP A 43 -36.35 16.36 -16.39
CA ASP A 43 -36.76 17.76 -16.20
C ASP A 43 -35.70 18.53 -15.51
N ASP A 44 -35.66 19.84 -15.79
CA ASP A 44 -34.66 20.70 -15.21
C ASP A 44 -35.05 21.14 -13.84
N LEU A 45 -36.30 20.96 -13.54
CA LEU A 45 -36.77 21.33 -12.21
C LEU A 45 -36.54 20.17 -11.17
N TRP A 46 -35.86 20.44 -10.14
CA TRP A 46 -35.48 19.41 -9.22
C TRP A 46 -36.62 18.82 -8.49
N THR A 47 -37.69 19.57 -8.21
CA THR A 47 -38.71 19.08 -7.31
C THR A 47 -39.48 18.07 -8.04
N VAL A 48 -39.47 18.30 -9.33
CA VAL A 48 -40.15 17.36 -10.25
C VAL A 48 -39.41 16.00 -10.27
N VAL A 49 -38.11 16.06 -10.55
CA VAL A 49 -37.27 14.91 -10.52
C VAL A 49 -37.41 14.22 -9.18
N LYS A 50 -37.28 14.97 -8.11
CA LYS A 50 -37.38 14.40 -6.80
C LYS A 50 -38.63 13.56 -6.56
N ASN A 51 -39.76 14.16 -6.72
CA ASN A 51 -41.05 13.51 -6.49
C ASN A 51 -41.35 12.44 -7.53
N ALA A 52 -40.79 12.57 -8.76
CA ALA A 52 -40.90 11.40 -9.67
C ALA A 52 -40.21 10.19 -9.16
N ILE A 53 -38.96 10.39 -8.72
CA ILE A 53 -38.22 9.28 -8.04
C ILE A 53 -39.04 8.63 -6.95
N SER A 54 -39.46 9.42 -6.02
CA SER A 54 -40.09 8.76 -4.82
C SER A 54 -41.31 7.92 -5.22
N ILE A 55 -42.10 8.36 -6.16
CA ILE A 55 -43.23 7.60 -6.79
C ILE A 55 -42.84 6.36 -7.53
N ILE A 56 -41.82 6.49 -8.42
CA ILE A 56 -41.34 5.33 -9.19
C ILE A 56 -40.75 4.39 -8.30
N MET A 57 -40.02 4.85 -7.31
CA MET A 57 -39.41 3.86 -6.37
C MET A 57 -40.45 3.08 -5.52
N VAL A 58 -41.57 3.71 -5.23
CA VAL A 58 -42.61 2.92 -4.44
C VAL A 58 -43.11 1.95 -5.48
N ILE A 59 -43.35 2.38 -6.75
CA ILE A 59 -43.91 1.40 -7.73
C ILE A 59 -42.96 0.25 -8.01
N ALA A 60 -41.66 0.51 -7.96
CA ALA A 60 -40.72 -0.52 -8.09
C ALA A 60 -40.85 -1.62 -7.10
N LYS A 61 -41.21 -1.39 -5.83
CA LYS A 61 -41.28 -2.49 -4.86
C LYS A 61 -42.28 -3.63 -5.33
N THR A 62 -43.14 -3.33 -6.24
CA THR A 62 -43.93 -4.36 -6.87
C THR A 62 -43.68 -4.65 -8.33
N ARG A 63 -42.64 -4.00 -8.92
CA ARG A 63 -42.30 -4.18 -10.33
C ARG A 63 -40.77 -4.10 -10.50
N GLU A 64 -40.23 -5.29 -10.51
CA GLU A 64 -38.82 -5.59 -10.37
C GLU A 64 -38.04 -4.92 -11.54
N ASP A 65 -38.64 -4.94 -12.69
CA ASP A 65 -38.05 -4.37 -13.82
C ASP A 65 -37.76 -2.86 -13.81
N LEU A 66 -38.29 -2.12 -12.91
CA LEU A 66 -38.04 -0.71 -12.81
C LEU A 66 -36.59 -0.41 -12.16
N TYR A 67 -35.98 -1.41 -11.46
CA TYR A 67 -34.86 -1.16 -10.67
C TYR A 67 -33.62 -0.87 -11.49
N GLU A 68 -33.36 -1.74 -12.43
CA GLU A 68 -32.19 -1.66 -13.20
C GLU A 68 -32.15 -0.34 -14.00
N PRO A 69 -33.20 -0.01 -14.72
CA PRO A 69 -33.20 1.23 -15.55
C PRO A 69 -33.09 2.42 -14.64
N MET A 70 -33.79 2.33 -13.51
CA MET A 70 -33.71 3.43 -12.58
C MET A 70 -32.29 3.65 -11.95
N LEU A 71 -31.56 2.65 -11.73
CA LEU A 71 -30.25 2.72 -11.10
C LEU A 71 -29.43 3.45 -12.09
N LYS A 72 -29.51 3.06 -13.41
CA LYS A 72 -28.68 3.67 -14.45
C LYS A 72 -28.94 5.19 -14.44
N LYS A 73 -30.18 5.50 -14.31
CA LYS A 73 -30.63 6.94 -14.44
C LYS A 73 -30.18 7.69 -13.15
N LEU A 74 -30.29 7.05 -12.03
CA LEU A 74 -29.70 7.64 -10.83
C LEU A 74 -28.24 8.01 -10.92
N PHE A 75 -27.41 7.16 -11.52
CA PHE A 75 -26.01 7.44 -11.79
C PHE A 75 -25.90 8.76 -12.55
N SER A 76 -26.75 8.98 -13.57
CA SER A 76 -26.67 10.24 -14.36
C SER A 76 -27.14 11.36 -13.50
N LEU A 77 -28.14 11.08 -12.66
CA LEU A 77 -28.64 12.18 -11.84
C LEU A 77 -27.74 12.68 -10.73
N LEU A 78 -26.93 11.84 -10.24
CA LEU A 78 -25.93 12.21 -9.24
C LEU A 78 -24.86 13.10 -9.96
N LYS A 79 -24.74 12.93 -11.25
CA LYS A 79 -23.91 13.86 -11.93
C LYS A 79 -24.59 15.27 -12.12
N LYS A 80 -25.88 15.26 -12.16
CA LYS A 80 -26.65 16.38 -12.57
C LYS A 80 -27.18 17.20 -11.33
N SER A 81 -27.41 16.56 -10.15
CA SER A 81 -28.15 17.13 -9.08
C SER A 81 -27.29 18.23 -8.34
N GLU A 82 -27.93 19.35 -8.12
CA GLU A 82 -27.38 20.57 -7.48
C GLU A 82 -28.20 20.98 -6.24
N ALA A 83 -29.37 20.41 -6.13
CA ALA A 83 -30.29 20.64 -5.03
C ALA A 83 -30.17 19.58 -4.08
N ILE A 84 -29.94 19.95 -2.85
CA ILE A 84 -29.66 18.98 -1.83
C ILE A 84 -30.85 17.98 -1.53
N PRO A 85 -32.11 18.39 -1.65
CA PRO A 85 -33.24 17.43 -1.41
C PRO A 85 -33.29 16.30 -2.48
N LEU A 86 -32.86 16.65 -3.66
CA LEU A 86 -32.77 15.71 -4.78
C LEU A 86 -31.66 14.78 -4.53
N THR A 87 -30.47 15.30 -4.23
CA THR A 87 -29.35 14.47 -3.73
C THR A 87 -29.73 13.44 -2.63
N GLN A 88 -30.46 13.95 -1.64
CA GLN A 88 -30.95 13.13 -0.62
C GLN A 88 -31.86 12.08 -1.08
N GLU A 89 -32.74 12.40 -2.00
CA GLU A 89 -33.66 11.43 -2.47
C GLU A 89 -32.95 10.36 -3.32
N ILE A 90 -32.08 10.79 -4.18
CA ILE A 90 -31.17 9.87 -4.88
C ILE A 90 -30.50 8.93 -3.96
N ALA A 91 -29.97 9.42 -2.88
CA ALA A 91 -29.16 8.55 -1.94
C ALA A 91 -30.18 7.58 -1.30
N LYS A 92 -31.39 8.08 -0.94
CA LYS A 92 -32.28 7.15 -0.28
C LYS A 92 -32.63 6.05 -1.31
N ALA A 93 -32.80 6.41 -2.55
CA ALA A 93 -33.16 5.38 -3.49
C ALA A 93 -32.08 4.30 -3.57
N PHE A 94 -30.79 4.69 -3.42
CA PHE A 94 -29.70 3.75 -3.48
C PHE A 94 -29.85 2.77 -2.21
N GLY A 95 -30.10 3.36 -1.06
CA GLY A 95 -30.38 2.65 0.13
C GLY A 95 -31.47 1.62 -0.06
N GLN A 96 -32.63 1.97 -0.69
CA GLN A 96 -33.70 1.06 -0.91
C GLN A 96 -33.30 -0.08 -1.81
N MET A 97 -32.43 0.12 -2.82
CA MET A 97 -32.00 -1.01 -3.73
C MET A 97 -31.02 -1.78 -3.03
N ALA A 98 -30.26 -1.20 -2.17
CA ALA A 98 -29.34 -2.02 -1.41
C ALA A 98 -30.04 -3.11 -0.52
N LYS A 99 -31.29 -2.88 -0.02
CA LYS A 99 -32.00 -3.85 0.83
C LYS A 99 -32.81 -4.78 -0.10
N GLU A 100 -33.39 -4.22 -1.15
CA GLU A 100 -34.22 -5.06 -1.99
C GLU A 100 -33.59 -5.68 -3.16
N LYS A 101 -32.44 -5.11 -3.69
CA LYS A 101 -31.81 -5.66 -4.90
C LYS A 101 -30.34 -5.63 -4.83
N PRO A 102 -29.82 -6.21 -3.78
CA PRO A 102 -28.46 -6.14 -3.42
C PRO A 102 -27.50 -6.51 -4.53
N GLU A 103 -27.70 -7.61 -5.22
CA GLU A 103 -26.92 -7.98 -6.36
C GLU A 103 -26.84 -6.94 -7.49
N LEU A 104 -27.96 -6.34 -7.83
CA LEU A 104 -27.98 -5.28 -8.76
C LEU A 104 -27.09 -4.18 -8.26
N VAL A 105 -27.13 -3.81 -6.98
CA VAL A 105 -26.22 -2.75 -6.47
C VAL A 105 -24.75 -3.25 -6.57
N LYS A 106 -24.59 -4.47 -6.12
CA LYS A 106 -23.23 -5.08 -6.20
C LYS A 106 -22.61 -5.09 -7.56
N SER A 107 -23.43 -5.41 -8.56
CA SER A 107 -22.92 -5.47 -9.91
C SER A 107 -22.80 -4.15 -10.68
N MET A 108 -23.52 -3.14 -10.27
CA MET A 108 -23.45 -1.84 -10.94
C MET A 108 -22.57 -0.77 -10.26
N ILE A 109 -22.25 -0.88 -9.00
CA ILE A 109 -21.51 0.16 -8.42
C ILE A 109 -20.11 0.18 -9.17
N PRO A 110 -19.48 -0.93 -9.39
CA PRO A 110 -18.17 -0.84 -10.08
C PRO A 110 -18.28 -0.13 -11.46
N VAL A 111 -19.42 -0.33 -12.06
CA VAL A 111 -19.79 0.38 -13.36
C VAL A 111 -19.85 1.83 -13.25
N LEU A 112 -20.52 2.38 -12.27
CA LEU A 112 -20.43 3.75 -12.03
C LEU A 112 -19.03 4.35 -11.86
N PHE A 113 -18.22 3.73 -11.00
CA PHE A 113 -16.92 4.19 -10.69
C PHE A 113 -15.99 3.98 -11.83
N ALA A 114 -16.15 2.93 -12.64
CA ALA A 114 -15.26 2.76 -13.72
C ALA A 114 -15.55 3.70 -14.92
N ASN A 115 -16.81 4.10 -15.05
CA ASN A 115 -17.31 4.79 -16.21
C ASN A 115 -17.43 6.32 -16.01
N TYR A 116 -17.87 6.73 -14.87
CA TYR A 116 -18.20 8.10 -14.64
C TYR A 116 -17.09 9.00 -14.06
N ARG A 117 -17.12 10.24 -14.49
CA ARG A 117 -16.18 11.25 -13.91
C ARG A 117 -16.69 11.59 -12.51
N ILE A 118 -15.88 11.34 -11.57
CA ILE A 118 -16.10 11.58 -10.15
C ILE A 118 -14.81 12.33 -9.64
N GLY A 119 -14.49 13.45 -10.21
CA GLY A 119 -13.38 14.18 -9.64
C GLY A 119 -13.62 15.69 -9.63
N ASP A 120 -14.77 16.08 -9.14
CA ASP A 120 -15.10 17.48 -8.85
C ASP A 120 -15.95 17.32 -7.58
N GLU A 121 -15.78 18.32 -6.72
CA GLU A 121 -16.39 18.34 -5.40
C GLU A 121 -17.80 18.05 -5.37
N LYS A 122 -18.54 18.72 -6.24
CA LYS A 122 -19.98 18.44 -6.33
C LYS A 122 -20.39 16.88 -6.53
N THR A 123 -19.85 16.28 -7.55
CA THR A 123 -20.04 14.89 -7.77
C THR A 123 -19.65 13.99 -6.62
N LYS A 124 -18.45 14.24 -6.15
CA LYS A 124 -17.88 13.58 -4.95
C LYS A 124 -18.74 13.54 -3.72
N ILE A 125 -19.38 14.64 -3.47
CA ILE A 125 -20.29 14.73 -2.35
C ILE A 125 -21.59 13.97 -2.61
N ASN A 126 -22.16 14.19 -3.78
CA ASN A 126 -23.36 13.50 -4.20
C ASN A 126 -23.17 11.97 -4.14
N VAL A 127 -21.99 11.46 -4.57
CA VAL A 127 -21.74 10.06 -4.69
C VAL A 127 -21.59 9.52 -3.25
N SER A 128 -20.93 10.28 -2.36
CA SER A 128 -20.68 9.87 -0.95
C SER A 128 -21.89 9.61 -0.19
N TYR A 129 -22.91 10.46 -0.39
CA TYR A 129 -24.18 10.29 0.19
C TYR A 129 -24.79 9.01 -0.26
N ALA A 130 -24.67 8.63 -1.49
CA ALA A 130 -25.31 7.42 -1.86
C ALA A 130 -24.59 6.18 -1.23
N LEU A 131 -23.28 6.16 -1.21
CA LEU A 131 -22.56 4.99 -0.64
C LEU A 131 -22.78 4.98 0.88
N GLU A 132 -22.99 6.11 1.54
CA GLU A 132 -23.26 6.10 2.99
C GLU A 132 -24.63 5.49 3.16
N GLU A 133 -25.52 5.66 2.15
CA GLU A 133 -26.84 5.16 2.39
C GLU A 133 -26.82 3.70 2.12
N ILE A 134 -26.01 3.25 1.13
CA ILE A 134 -25.88 1.76 0.80
C ILE A 134 -25.26 1.14 2.11
N ALA A 135 -24.32 1.84 2.78
CA ALA A 135 -23.60 1.29 3.91
C ALA A 135 -24.51 1.13 5.12
N LYS A 136 -25.43 2.03 5.36
CA LYS A 136 -26.40 1.91 6.41
C LYS A 136 -27.50 1.04 6.00
N ALA A 137 -27.87 0.89 4.74
CA ALA A 137 -28.93 -0.01 4.46
C ALA A 137 -28.55 -1.48 4.50
N ASN A 138 -27.33 -1.87 4.17
CA ASN A 138 -26.94 -3.28 4.05
C ASN A 138 -25.49 -3.36 4.29
N PRO A 139 -25.17 -3.42 5.58
CA PRO A 139 -23.73 -3.55 5.96
C PRO A 139 -23.02 -4.71 5.25
N MET A 140 -23.70 -5.81 5.21
CA MET A 140 -23.04 -6.96 4.51
C MET A 140 -22.75 -6.61 3.02
N LEU A 141 -23.73 -6.01 2.32
CA LEU A 141 -23.49 -5.68 0.88
C LEU A 141 -22.25 -4.71 0.81
N MET A 142 -22.20 -3.84 1.76
CA MET A 142 -21.20 -2.86 1.71
C MET A 142 -19.80 -3.43 1.84
N ALA A 143 -19.66 -4.31 2.78
CA ALA A 143 -18.32 -4.91 2.97
C ALA A 143 -17.98 -5.67 1.76
N SER A 144 -19.00 -6.24 1.18
CA SER A 144 -18.77 -7.03 0.03
C SER A 144 -18.36 -6.21 -1.21
N ILE A 145 -18.99 -5.01 -1.34
CA ILE A 145 -18.65 -4.16 -2.45
C ILE A 145 -17.26 -3.63 -2.16
N VAL A 146 -16.92 -3.28 -0.93
CA VAL A 146 -15.57 -2.72 -0.68
C VAL A 146 -14.51 -3.74 -1.14
N ARG A 147 -14.75 -5.02 -0.83
CA ARG A 147 -13.78 -6.02 -1.20
C ARG A 147 -13.55 -6.09 -2.71
N ASP A 148 -14.67 -5.99 -3.49
CA ASP A 148 -14.56 -6.00 -5.00
C ASP A 148 -13.59 -4.85 -5.35
N PHE A 149 -13.76 -3.63 -4.79
CA PHE A 149 -12.86 -2.60 -5.29
C PHE A 149 -11.38 -2.91 -4.78
N MET A 150 -11.22 -3.32 -3.56
CA MET A 150 -9.85 -3.47 -2.97
C MET A 150 -9.17 -4.50 -3.81
N SER A 151 -9.92 -5.46 -4.48
CA SER A 151 -9.28 -6.35 -5.49
C SER A 151 -8.72 -5.62 -6.69
N MET A 152 -9.26 -4.48 -7.03
CA MET A 152 -8.86 -3.74 -8.19
C MET A 152 -7.52 -3.01 -7.96
N LEU A 153 -7.06 -2.99 -6.72
CA LEU A 153 -5.80 -2.36 -6.31
C LEU A 153 -4.54 -3.05 -6.82
N SER A 154 -4.64 -4.37 -6.91
CA SER A 154 -3.53 -5.17 -7.45
C SER A 154 -3.45 -5.10 -8.99
N SER A 155 -4.59 -4.84 -9.65
CA SER A 155 -4.66 -4.88 -11.18
C SER A 155 -3.48 -4.23 -11.86
N LYS A 156 -3.26 -4.62 -13.09
CA LYS A 156 -2.14 -4.15 -13.87
C LYS A 156 -2.56 -2.88 -14.46
N ASN A 157 -3.84 -2.78 -14.80
CA ASN A 157 -4.26 -1.67 -15.63
C ASN A 157 -4.36 -0.39 -14.81
N ARG A 158 -3.82 0.69 -15.36
CA ARG A 158 -3.81 1.98 -14.70
C ARG A 158 -5.28 2.45 -14.24
N GLU A 159 -6.24 2.27 -15.13
CA GLU A 159 -7.57 2.74 -14.91
C GLU A 159 -8.27 2.08 -13.80
N ASP A 160 -8.00 0.82 -13.59
CA ASP A 160 -8.72 0.04 -12.65
C ASP A 160 -8.25 0.44 -11.19
N LYS A 161 -6.94 0.74 -11.03
CA LYS A 161 -6.48 1.27 -9.77
C LYS A 161 -7.02 2.61 -9.54
N LEU A 162 -7.08 3.50 -10.51
CA LEU A 162 -7.68 4.82 -10.24
C LEU A 162 -9.17 4.69 -9.94
N THR A 163 -9.84 3.70 -10.47
CA THR A 163 -11.28 3.46 -10.18
C THR A 163 -11.44 3.06 -8.69
N ALA A 164 -10.59 2.17 -8.19
CA ALA A 164 -10.50 1.76 -6.75
C ALA A 164 -10.26 2.89 -5.84
N LEU A 165 -9.40 3.78 -6.30
CA LEU A 165 -9.01 4.95 -5.63
C LEU A 165 -10.10 6.02 -5.58
N ASN A 166 -10.79 6.20 -6.73
CA ASN A 166 -11.96 7.07 -6.71
C ASN A 166 -12.97 6.54 -5.69
N PHE A 167 -13.15 5.25 -5.65
CA PHE A 167 -14.09 4.67 -4.69
C PHE A 167 -13.71 4.97 -3.30
N ILE A 168 -12.43 4.83 -2.98
CA ILE A 168 -11.95 5.03 -1.61
C ILE A 168 -12.17 6.50 -1.20
N GLU A 169 -11.97 7.47 -2.09
CA GLU A 169 -12.29 8.92 -1.82
C GLU A 169 -13.79 9.14 -1.71
N ALA A 170 -14.68 8.23 -2.00
CA ALA A 170 -16.04 8.53 -1.73
C ALA A 170 -16.47 7.79 -0.46
N MET A 171 -15.54 7.21 0.30
CA MET A 171 -15.83 6.44 1.52
C MET A 171 -16.24 7.49 2.57
N GLY A 172 -17.05 7.04 3.55
CA GLY A 172 -17.43 7.85 4.65
C GLY A 172 -17.39 7.12 5.99
N GLU A 173 -17.93 7.82 6.96
CA GLU A 173 -17.82 7.43 8.36
C GLU A 173 -18.43 6.02 8.62
N ASN A 174 -19.50 5.75 7.94
CA ASN A 174 -20.05 4.43 8.00
C ASN A 174 -19.45 3.28 7.12
N SER A 175 -18.74 3.62 6.08
CA SER A 175 -18.06 2.57 5.33
C SER A 175 -16.57 2.49 5.75
N PHE A 176 -16.11 3.41 6.60
CA PHE A 176 -14.67 3.45 6.97
C PHE A 176 -14.12 2.14 7.57
N LYS A 177 -14.93 1.55 8.46
CA LYS A 177 -14.50 0.26 9.10
C LYS A 177 -14.40 -0.82 8.01
N TYR A 178 -14.98 -0.64 6.81
CA TYR A 178 -14.69 -1.70 5.79
C TYR A 178 -13.36 -1.47 5.12
N VAL A 179 -12.92 -0.26 5.02
CA VAL A 179 -11.68 -0.11 4.26
C VAL A 179 -10.44 -0.19 5.14
N ASN A 180 -10.62 0.14 6.38
CA ASN A 180 -9.56 0.10 7.38
C ASN A 180 -8.68 -1.10 7.33
N PRO A 181 -9.24 -2.31 7.25
CA PRO A 181 -8.41 -3.55 7.01
C PRO A 181 -7.61 -3.71 5.73
N PHE A 182 -7.79 -2.76 4.83
CA PHE A 182 -7.12 -2.76 3.51
C PHE A 182 -6.05 -1.72 3.40
N LEU A 183 -5.85 -0.99 4.42
CA LEU A 183 -4.85 0.07 4.34
C LEU A 183 -3.54 -0.23 3.63
N PRO A 184 -2.84 -1.23 4.14
CA PRO A 184 -1.54 -1.62 3.58
C PRO A 184 -1.57 -1.80 2.04
N ARG A 185 -2.68 -2.36 1.56
CA ARG A 185 -2.91 -2.53 0.14
C ARG A 185 -2.98 -1.20 -0.56
N ILE A 186 -3.52 -0.20 0.12
CA ILE A 186 -3.69 1.12 -0.46
C ILE A 186 -2.37 1.86 -0.39
N ILE A 187 -1.68 1.71 0.73
CA ILE A 187 -0.35 2.37 0.96
C ILE A 187 0.62 1.73 0.00
N ASN A 188 0.38 0.48 -0.22
CA ASN A 188 1.20 -0.25 -1.20
C ASN A 188 1.31 0.47 -2.53
N LEU A 189 0.30 1.26 -2.94
CA LEU A 189 0.34 1.92 -4.24
C LEU A 189 1.13 3.10 -4.18
N LEU A 190 1.58 3.49 -2.99
CA LEU A 190 2.58 4.62 -2.95
C LEU A 190 3.92 4.12 -3.56
N HIS A 191 4.05 2.78 -3.73
CA HIS A 191 5.30 2.24 -4.33
C HIS A 191 5.08 1.89 -5.81
N ASP A 192 3.96 2.32 -6.40
CA ASP A 192 3.66 2.13 -7.82
C ASP A 192 4.57 2.94 -8.68
N GLY A 193 4.87 2.38 -9.85
CA GLY A 193 5.81 3.00 -10.72
C GLY A 193 5.24 4.06 -11.53
N ASP A 194 3.93 4.06 -11.59
CA ASP A 194 3.30 5.16 -12.42
C ASP A 194 3.00 6.34 -11.52
N GLU A 195 3.73 7.43 -11.66
CA GLU A 195 3.43 8.65 -10.97
C GLU A 195 1.93 9.04 -10.70
N ILE A 196 1.05 8.84 -11.67
CA ILE A 196 -0.35 9.30 -11.55
C ILE A 196 -1.06 8.43 -10.53
N VAL A 197 -0.68 7.20 -10.45
CA VAL A 197 -1.24 6.34 -9.50
C VAL A 197 -0.72 6.64 -8.12
N ARG A 198 0.53 7.07 -8.01
CA ARG A 198 1.05 7.41 -6.70
C ARG A 198 0.32 8.58 -6.10
N ALA A 199 0.15 9.64 -6.84
CA ALA A 199 -0.54 10.84 -6.43
C ALA A 199 -2.02 10.56 -6.06
N SER A 200 -2.70 9.81 -6.88
CA SER A 200 -4.08 9.40 -6.49
C SER A 200 -4.05 8.55 -5.21
N ALA A 201 -2.99 7.74 -4.99
CA ALA A 201 -2.95 6.96 -3.78
C ALA A 201 -2.86 7.91 -2.64
N VAL A 202 -2.12 8.95 -2.82
CA VAL A 202 -2.01 10.00 -1.79
C VAL A 202 -3.31 10.76 -1.47
N GLU A 203 -3.93 11.31 -2.51
CA GLU A 203 -5.25 11.90 -2.34
C GLU A 203 -6.09 10.91 -1.54
N ALA A 204 -6.21 9.59 -1.99
CA ALA A 204 -7.12 8.68 -1.38
C ALA A 204 -6.76 8.49 0.11
N LEU A 205 -5.46 8.41 0.42
CA LEU A 205 -4.99 8.22 1.82
C LEU A 205 -5.29 9.46 2.66
N VAL A 206 -5.10 10.63 2.03
CA VAL A 206 -5.49 11.94 2.57
C VAL A 206 -6.97 11.98 2.98
N HIS A 207 -7.88 11.59 2.03
CA HIS A 207 -9.22 11.50 2.31
C HIS A 207 -9.56 10.53 3.41
N LEU A 208 -8.92 9.36 3.52
CA LEU A 208 -9.24 8.41 4.60
C LEU A 208 -8.77 9.02 6.04
N ALA A 209 -7.66 9.78 6.06
CA ALA A 209 -7.14 10.36 7.27
C ALA A 209 -8.12 11.36 7.94
N THR A 210 -8.89 12.07 7.12
CA THR A 210 -9.97 12.91 7.58
C THR A 210 -11.14 12.20 8.24
N LEU A 211 -11.24 10.89 8.09
CA LEU A 211 -12.25 10.05 8.77
C LEU A 211 -11.79 9.40 10.14
N ASN A 212 -10.54 9.49 10.47
CA ASN A 212 -10.07 8.77 11.62
C ASN A 212 -8.77 9.40 12.10
N ASP A 213 -8.70 9.66 13.39
CA ASP A 213 -7.69 10.54 13.98
C ASP A 213 -6.45 9.75 14.02
N LYS A 214 -6.52 8.48 14.37
CA LYS A 214 -5.31 7.68 14.47
C LYS A 214 -4.62 7.58 13.07
N LEU A 215 -5.41 7.19 12.05
CA LEU A 215 -4.92 7.03 10.67
C LEU A 215 -4.30 8.34 10.14
N ARG A 216 -4.88 9.45 10.60
CA ARG A 216 -4.43 10.81 10.23
C ARG A 216 -3.02 11.07 10.69
N LYS A 217 -2.62 10.64 11.87
CA LYS A 217 -1.21 10.86 12.26
C LYS A 217 -0.28 9.87 11.55
N VAL A 218 -0.80 8.70 11.14
CA VAL A 218 0.01 7.73 10.43
C VAL A 218 0.34 8.29 9.05
N VAL A 219 -0.65 8.97 8.51
CA VAL A 219 -0.57 9.34 7.10
C VAL A 219 0.30 10.55 6.99
N ILE A 220 0.02 11.45 7.90
CA ILE A 220 0.83 12.63 8.09
C ILE A 220 2.32 12.27 8.07
N LYS A 221 2.68 11.42 9.00
CA LYS A 221 4.05 11.10 9.21
C LYS A 221 4.58 10.53 7.95
N ARG A 222 3.81 9.58 7.39
CA ARG A 222 4.23 8.95 6.16
C ARG A 222 4.51 9.91 5.05
N LEU A 223 3.58 10.84 4.79
CA LEU A 223 3.71 11.77 3.68
C LEU A 223 4.84 12.77 3.85
N GLU A 224 5.12 13.16 5.09
CA GLU A 224 6.33 13.96 5.34
C GLU A 224 7.62 13.24 4.83
N GLU A 225 7.83 12.05 5.45
CA GLU A 225 8.91 11.11 5.09
C GLU A 225 9.16 10.96 3.58
N LEU A 226 8.14 11.13 2.73
CA LEU A 226 8.20 10.80 1.30
C LEU A 226 8.91 11.89 0.55
N ASN A 227 9.76 11.49 -0.36
CA ASN A 227 10.47 12.40 -1.26
C ASN A 227 10.33 11.73 -2.63
N ASP A 228 9.92 12.44 -3.63
CA ASP A 228 9.57 11.81 -4.89
C ASP A 228 10.22 12.49 -6.05
N THR A 229 10.26 11.77 -7.13
CA THR A 229 10.63 12.34 -8.41
C THR A 229 9.59 13.23 -9.20
N SER A 230 8.30 12.91 -9.12
CA SER A 230 7.25 13.59 -9.86
C SER A 230 7.05 14.82 -9.09
N SER A 231 6.77 15.93 -9.78
CA SER A 231 6.35 17.26 -9.16
C SER A 231 4.85 17.13 -8.91
N LEU A 232 4.20 16.56 -9.95
CA LEU A 232 2.83 16.19 -9.95
C LEU A 232 2.49 15.35 -8.73
N VAL A 233 3.42 14.62 -8.12
CA VAL A 233 3.20 13.97 -6.82
C VAL A 233 3.61 14.84 -5.56
N ASN A 234 4.76 15.52 -5.66
CA ASN A 234 5.38 16.26 -4.54
C ASN A 234 4.46 17.38 -4.07
N LYS A 235 3.77 17.95 -5.07
CA LYS A 235 2.74 18.92 -4.83
C LYS A 235 1.57 18.31 -4.09
N THR A 236 1.19 17.11 -4.51
CA THR A 236 0.05 16.40 -3.97
C THR A 236 0.32 16.08 -2.55
N VAL A 237 1.61 15.75 -2.26
CA VAL A 237 2.01 15.34 -0.93
C VAL A 237 1.98 16.59 -0.10
N LYS A 238 2.48 17.67 -0.67
CA LYS A 238 2.56 18.88 0.15
C LYS A 238 1.18 19.50 0.40
N GLU A 239 0.31 19.59 -0.55
CA GLU A 239 -1.01 20.09 -0.24
C GLU A 239 -1.69 19.27 0.81
N GLY A 240 -1.46 17.97 0.84
CA GLY A 240 -2.31 17.12 1.59
C GLY A 240 -1.68 17.07 2.88
N ILE A 241 -0.39 17.31 2.91
CA ILE A 241 0.24 17.40 4.22
C ILE A 241 -0.45 18.57 4.98
N SER A 242 -0.71 19.69 4.24
CA SER A 242 -1.25 20.94 4.77
C SER A 242 -2.64 20.72 5.31
N ARG A 243 -3.54 20.10 4.52
CA ARG A 243 -4.90 19.80 5.07
C ARG A 243 -4.89 19.01 6.40
N LEU A 244 -4.20 17.89 6.47
CA LEU A 244 -4.26 17.03 7.65
C LEU A 244 -3.80 17.67 8.95
N LEU A 245 -2.78 18.54 8.85
CA LEU A 245 -2.22 19.28 10.03
C LEU A 245 -3.27 20.15 10.84
N LEU A 246 -4.08 20.96 10.10
CA LEU A 246 -5.35 21.62 10.57
C LEU A 246 -6.23 20.84 11.64
N LEU A 247 -6.43 19.56 11.43
CA LEU A 247 -7.31 18.80 12.23
C LEU A 247 -6.55 18.18 13.42
N ASP B 9 9.32 -39.92 1.72
CA ASP B 9 8.77 -38.77 2.45
C ASP B 9 9.36 -37.48 1.93
N ILE B 10 8.60 -36.42 2.18
CA ILE B 10 8.92 -35.03 1.73
C ILE B 10 10.29 -34.56 2.23
N ARG B 11 10.56 -34.84 3.49
CA ARG B 11 11.82 -34.44 4.13
C ARG B 11 12.96 -34.92 3.22
N GLU B 12 12.89 -36.23 2.82
CA GLU B 12 13.94 -36.97 2.07
C GLU B 12 13.92 -36.61 0.60
N ALA B 13 12.71 -36.37 0.03
CA ALA B 13 12.59 -35.92 -1.37
C ALA B 13 13.18 -34.54 -1.49
N LEU B 14 12.99 -33.73 -0.42
CA LEU B 14 13.46 -32.37 -0.48
C LEU B 14 14.90 -32.39 -0.40
N ALA B 15 15.42 -33.24 0.46
CA ALA B 15 16.80 -33.14 0.77
C ALA B 15 17.59 -33.57 -0.47
N ASN B 16 16.98 -34.45 -1.26
CA ASN B 16 17.66 -35.08 -2.38
C ASN B 16 17.15 -34.32 -3.58
N GLY B 17 17.22 -35.01 -4.69
CA GLY B 17 16.36 -34.71 -5.79
C GLY B 17 15.48 -33.49 -5.68
N GLU B 18 15.56 -32.73 -6.73
CA GLU B 18 14.60 -31.72 -7.09
C GLU B 18 13.25 -32.28 -7.82
N HIS B 19 12.55 -33.21 -7.14
CA HIS B 19 11.17 -33.70 -7.52
C HIS B 19 10.09 -32.92 -6.74
N LEU B 20 10.36 -31.62 -6.73
CA LEU B 20 9.64 -30.63 -6.00
C LEU B 20 8.16 -30.42 -6.44
N GLU B 21 7.79 -30.77 -7.66
CA GLU B 21 6.50 -30.28 -8.21
C GLU B 21 5.30 -31.12 -7.57
N LYS B 22 5.54 -32.42 -7.39
CA LYS B 22 4.59 -33.26 -6.58
C LYS B 22 4.55 -32.66 -5.12
N ILE B 23 5.69 -32.33 -4.47
CA ILE B 23 5.65 -31.55 -3.23
C ILE B 23 4.89 -30.23 -3.42
N LEU B 24 5.00 -29.59 -4.57
CA LEU B 24 4.22 -28.35 -4.69
C LEU B 24 2.74 -28.65 -4.72
N ILE B 25 2.36 -29.65 -5.46
CA ILE B 25 0.96 -29.99 -5.72
C ILE B 25 0.09 -30.24 -4.44
N MET B 26 0.55 -31.21 -3.66
CA MET B 26 0.07 -31.63 -2.37
C MET B 26 0.03 -30.53 -1.25
N ALA B 27 0.92 -29.51 -1.42
CA ALA B 27 0.96 -28.36 -0.57
C ALA B 27 -0.12 -27.40 -0.88
N LYS B 28 -0.40 -27.15 -2.17
CA LYS B 28 -1.44 -26.25 -2.61
C LYS B 28 -2.93 -26.82 -2.34
N TYR B 29 -3.03 -28.11 -2.12
CA TYR B 29 -4.33 -28.76 -1.80
C TYR B 29 -4.56 -29.26 -0.39
N ASP B 30 -3.52 -29.37 0.41
CA ASP B 30 -3.64 -29.91 1.79
C ASP B 30 -2.66 -29.09 2.77
N GLU B 31 -3.29 -28.23 3.56
CA GLU B 31 -2.64 -27.30 4.39
C GLU B 31 -1.63 -28.02 5.29
N SER B 32 -1.95 -29.29 5.64
CA SER B 32 -1.10 -30.18 6.43
C SER B 32 0.34 -30.29 5.95
N VAL B 33 0.55 -30.45 4.62
CA VAL B 33 1.93 -30.72 4.12
C VAL B 33 2.63 -29.32 4.04
N LEU B 34 1.85 -28.31 3.65
CA LEU B 34 2.25 -26.96 3.90
C LEU B 34 2.89 -26.82 5.29
N LYS B 35 2.13 -27.09 6.31
CA LYS B 35 2.67 -26.90 7.65
C LYS B 35 3.97 -27.77 7.91
N LYS B 36 4.01 -28.92 7.25
CA LYS B 36 5.21 -29.78 7.35
C LYS B 36 6.37 -29.00 6.57
N LEU B 37 6.15 -28.42 5.38
CA LEU B 37 7.12 -27.51 4.71
C LEU B 37 7.71 -26.49 5.69
N ILE B 38 6.77 -25.80 6.37
CA ILE B 38 7.07 -24.75 7.24
C ILE B 38 7.93 -25.35 8.29
N GLU B 39 7.46 -26.48 8.85
CA GLU B 39 8.21 -27.01 9.97
C GLU B 39 9.66 -27.25 9.47
N LEU B 40 9.80 -27.48 8.18
CA LEU B 40 11.01 -28.16 7.73
C LEU B 40 12.14 -27.19 7.53
N LEU B 41 11.75 -25.93 7.51
CA LEU B 41 12.66 -24.81 7.52
C LEU B 41 13.61 -24.83 8.71
N ASP B 42 13.29 -25.60 9.75
CA ASP B 42 14.24 -25.75 10.85
C ASP B 42 15.18 -26.98 10.72
N ASP B 43 15.15 -27.56 9.53
CA ASP B 43 15.98 -28.70 9.26
C ASP B 43 17.53 -28.51 9.42
N ASP B 44 18.25 -29.52 9.92
CA ASP B 44 19.67 -29.36 9.97
C ASP B 44 20.37 -29.13 8.55
N LEU B 45 19.72 -29.62 7.48
CA LEU B 45 20.24 -29.93 6.18
C LEU B 45 19.72 -28.88 5.35
N TRP B 46 20.65 -28.17 4.76
CA TRP B 46 20.33 -26.99 3.96
C TRP B 46 19.57 -27.17 2.75
N THR B 47 19.60 -28.33 2.12
CA THR B 47 18.86 -28.52 0.87
C THR B 47 17.33 -28.69 1.07
N VAL B 48 16.97 -29.17 2.23
CA VAL B 48 15.55 -29.29 2.67
C VAL B 48 15.03 -27.86 2.80
N VAL B 49 15.79 -27.09 3.56
CA VAL B 49 15.31 -25.79 3.94
C VAL B 49 15.13 -25.01 2.67
N LYS B 50 16.15 -25.06 1.76
CA LYS B 50 16.14 -24.39 0.42
C LYS B 50 15.04 -24.72 -0.43
N ASN B 51 14.80 -25.97 -0.61
CA ASN B 51 13.63 -26.37 -1.51
C ASN B 51 12.28 -26.17 -0.81
N ALA B 52 12.14 -26.53 0.45
CA ALA B 52 10.96 -25.91 1.24
C ALA B 52 10.62 -24.49 0.87
N ILE B 53 11.64 -23.66 0.97
CA ILE B 53 11.38 -22.21 0.68
C ILE B 53 10.90 -22.02 -0.62
N SER B 54 11.55 -22.59 -1.66
CA SER B 54 11.18 -22.20 -3.02
C SER B 54 9.71 -22.62 -3.34
N ILE B 55 9.27 -23.82 -2.87
CA ILE B 55 7.83 -24.24 -2.99
C ILE B 55 6.95 -23.27 -2.14
N ILE B 56 7.33 -23.07 -0.82
CA ILE B 56 6.52 -22.14 -0.01
C ILE B 56 6.31 -20.75 -0.63
N MET B 57 7.32 -20.17 -1.28
CA MET B 57 7.22 -18.84 -1.91
C MET B 57 6.36 -18.80 -3.23
N VAL B 58 6.26 -19.94 -3.84
CA VAL B 58 5.33 -20.06 -4.96
C VAL B 58 3.85 -19.96 -4.53
N ILE B 59 3.51 -20.70 -3.52
CA ILE B 59 2.21 -20.83 -2.91
C ILE B 59 1.78 -19.47 -2.37
N ALA B 60 2.74 -18.73 -1.74
CA ALA B 60 2.60 -17.37 -1.22
C ALA B 60 2.11 -16.42 -2.25
N LYS B 61 2.18 -16.81 -3.50
CA LYS B 61 1.86 -15.89 -4.58
C LYS B 61 0.29 -15.78 -4.76
N THR B 62 -0.38 -16.83 -4.19
CA THR B 62 -1.83 -16.81 -3.98
C THR B 62 -2.27 -17.10 -2.49
N ARG B 63 -1.46 -16.80 -1.52
CA ARG B 63 -1.83 -17.09 -0.16
C ARG B 63 -1.10 -16.04 0.69
N GLU B 64 -1.52 -14.78 0.56
CA GLU B 64 -0.87 -13.66 1.21
C GLU B 64 -0.60 -13.82 2.73
N ASP B 65 -1.50 -14.31 3.54
CA ASP B 65 -1.09 -14.76 4.89
C ASP B 65 0.45 -15.21 5.13
N LEU B 66 1.06 -15.92 4.15
CA LEU B 66 2.44 -16.44 4.18
C LEU B 66 3.54 -15.39 4.28
N TYR B 67 3.33 -14.24 3.71
CA TYR B 67 4.40 -13.34 3.52
C TYR B 67 4.97 -12.86 4.84
N GLU B 68 4.09 -12.29 5.65
CA GLU B 68 4.50 -11.72 6.90
C GLU B 68 5.36 -12.75 7.69
N PRO B 69 4.85 -13.92 8.02
CA PRO B 69 5.74 -14.82 8.78
C PRO B 69 7.04 -15.21 8.03
N MET B 70 7.00 -15.29 6.67
CA MET B 70 8.18 -15.78 5.89
C MET B 70 9.18 -14.73 5.95
N LEU B 71 8.77 -13.47 5.79
CA LEU B 71 9.65 -12.41 6.05
C LEU B 71 10.54 -12.65 7.31
N LYS B 72 9.85 -12.95 8.38
CA LYS B 72 10.44 -12.98 9.63
C LYS B 72 11.33 -14.27 9.80
N LYS B 73 10.71 -15.40 9.53
CA LYS B 73 11.42 -16.65 9.59
C LYS B 73 12.67 -16.62 8.68
N LEU B 74 12.46 -16.17 7.51
CA LEU B 74 13.56 -16.11 6.53
C LEU B 74 14.73 -15.23 6.92
N PHE B 75 14.40 -14.15 7.64
CA PHE B 75 15.46 -13.27 8.07
C PHE B 75 16.37 -13.94 9.07
N SER B 76 15.74 -14.62 10.05
CA SER B 76 16.54 -15.35 11.06
C SER B 76 17.43 -16.44 10.40
N LEU B 77 16.85 -17.13 9.47
CA LEU B 77 17.54 -18.24 8.71
C LEU B 77 18.72 -17.68 8.00
N LEU B 78 18.57 -16.42 7.54
CA LEU B 78 19.46 -15.81 6.53
C LEU B 78 20.80 -15.41 7.21
N LYS B 79 20.64 -14.84 8.42
CA LYS B 79 21.72 -14.42 9.24
C LYS B 79 22.58 -15.65 9.54
N LYS B 80 21.88 -16.77 9.82
CA LYS B 80 22.42 -18.11 10.16
C LYS B 80 22.93 -19.07 9.05
N SER B 81 22.46 -18.91 7.82
CA SER B 81 22.91 -19.71 6.73
C SER B 81 24.50 -19.69 6.53
N GLU B 82 25.06 -20.90 6.32
CA GLU B 82 26.41 -21.22 5.93
C GLU B 82 26.49 -21.75 4.51
N ALA B 83 25.38 -22.39 4.02
CA ALA B 83 25.22 -22.85 2.59
C ALA B 83 24.86 -21.87 1.55
N ILE B 84 25.85 -21.55 0.74
CA ILE B 84 25.59 -20.40 -0.19
C ILE B 84 24.26 -20.53 -1.05
N PRO B 85 24.02 -21.73 -1.58
CA PRO B 85 22.78 -21.95 -2.29
C PRO B 85 21.56 -21.61 -1.49
N LEU B 86 21.57 -21.97 -0.25
CA LEU B 86 20.44 -21.61 0.62
C LEU B 86 20.37 -20.04 0.84
N THR B 87 21.50 -19.42 1.19
CA THR B 87 21.45 -17.97 1.29
C THR B 87 20.99 -17.24 0.03
N GLN B 88 21.31 -17.80 -1.13
CA GLN B 88 20.98 -17.12 -2.38
C GLN B 88 19.48 -17.24 -2.62
N GLU B 89 18.90 -18.36 -2.24
CA GLU B 89 17.53 -18.58 -2.40
C GLU B 89 16.70 -17.72 -1.43
N ILE B 90 17.12 -17.68 -0.20
CA ILE B 90 16.51 -16.73 0.76
C ILE B 90 16.62 -15.33 0.23
N ALA B 91 17.76 -14.92 -0.40
CA ALA B 91 17.77 -13.56 -0.99
C ALA B 91 16.85 -13.30 -2.14
N LYS B 92 16.62 -14.28 -2.99
CA LYS B 92 15.65 -14.20 -4.01
C LYS B 92 14.25 -14.18 -3.44
N ALA B 93 13.99 -14.94 -2.42
CA ALA B 93 12.69 -14.82 -1.79
C ALA B 93 12.36 -13.40 -1.33
N PHE B 94 13.33 -12.71 -0.72
CA PHE B 94 13.20 -11.31 -0.31
C PHE B 94 12.94 -10.45 -1.52
N GLY B 95 13.57 -10.80 -2.62
CA GLY B 95 13.48 -9.96 -3.86
C GLY B 95 12.13 -10.13 -4.40
N GLN B 96 11.65 -11.32 -4.28
CA GLN B 96 10.37 -11.56 -4.80
C GLN B 96 9.39 -10.67 -3.96
N MET B 97 9.52 -10.78 -2.60
CA MET B 97 8.66 -9.99 -1.64
C MET B 97 8.68 -8.53 -1.91
N ALA B 98 9.74 -8.00 -2.42
CA ALA B 98 9.86 -6.61 -2.62
C ALA B 98 9.04 -6.08 -3.77
N LYS B 99 9.15 -6.84 -4.87
CA LYS B 99 8.40 -6.73 -6.11
C LYS B 99 6.98 -6.87 -5.77
N GLU B 100 6.61 -7.93 -5.07
CA GLU B 100 5.19 -8.23 -4.89
C GLU B 100 4.56 -7.33 -3.82
N LYS B 101 5.11 -7.29 -2.59
CA LYS B 101 4.63 -6.56 -1.41
C LYS B 101 5.56 -5.44 -0.81
N PRO B 102 5.81 -4.39 -1.56
CA PRO B 102 6.78 -3.44 -1.15
C PRO B 102 6.41 -2.78 0.14
N GLU B 103 5.14 -2.62 0.40
CA GLU B 103 4.79 -1.86 1.61
C GLU B 103 5.02 -2.85 2.69
N LEU B 104 4.63 -4.06 2.49
CA LEU B 104 4.88 -5.00 3.62
C LEU B 104 6.35 -5.21 3.94
N VAL B 105 7.22 -5.30 2.93
CA VAL B 105 8.68 -5.32 3.13
C VAL B 105 9.26 -4.11 3.87
N LYS B 106 8.98 -2.91 3.36
CA LYS B 106 9.29 -1.69 4.12
C LYS B 106 8.73 -1.64 5.57
N SER B 107 7.61 -2.30 5.83
CA SER B 107 6.98 -2.29 7.11
C SER B 107 7.84 -3.15 8.00
N MET B 108 8.40 -4.24 7.49
CA MET B 108 8.99 -5.23 8.38
C MET B 108 10.43 -4.89 8.52
N ILE B 109 10.92 -3.92 7.77
CA ILE B 109 12.32 -3.54 7.84
C ILE B 109 12.86 -3.08 9.24
N PRO B 110 12.18 -2.15 9.89
CA PRO B 110 12.46 -1.78 11.31
C PRO B 110 12.34 -2.89 12.40
N VAL B 111 11.25 -3.67 12.51
CA VAL B 111 11.30 -5.02 13.10
C VAL B 111 12.67 -5.81 12.85
N LEU B 112 12.88 -6.27 11.64
CA LEU B 112 14.00 -7.09 11.18
C LEU B 112 15.29 -6.46 11.49
N PHE B 113 15.47 -5.17 11.16
CA PHE B 113 16.64 -4.35 11.49
C PHE B 113 16.58 -3.50 12.88
N ALA B 114 15.59 -3.86 13.74
CA ALA B 114 15.43 -3.32 15.10
C ALA B 114 16.80 -3.47 15.73
N ASN B 115 17.43 -2.29 15.86
CA ASN B 115 18.70 -2.04 16.45
C ASN B 115 19.70 -2.97 15.75
N TYR B 116 19.74 -2.85 14.40
CA TYR B 116 20.50 -3.75 13.59
C TYR B 116 21.96 -3.66 14.00
N ARG B 117 22.56 -4.83 14.23
CA ARG B 117 23.96 -4.86 14.35
C ARG B 117 24.59 -5.83 13.30
N ILE B 118 25.84 -5.50 12.95
CA ILE B 118 26.46 -6.04 11.74
C ILE B 118 26.88 -7.47 11.95
N GLY B 119 27.13 -7.78 13.22
CA GLY B 119 27.43 -9.19 13.51
C GLY B 119 28.81 -9.45 12.90
N ASP B 120 29.08 -10.70 12.70
CA ASP B 120 30.35 -11.21 12.11
C ASP B 120 30.31 -10.99 10.57
N GLU B 121 31.37 -11.31 9.90
CA GLU B 121 31.52 -10.95 8.48
C GLU B 121 30.58 -11.80 7.60
N LYS B 122 30.43 -13.10 7.87
CA LYS B 122 29.67 -14.00 7.06
C LYS B 122 28.22 -13.52 7.16
N THR B 123 27.80 -13.14 8.39
CA THR B 123 26.49 -12.65 8.68
C THR B 123 26.18 -11.38 7.88
N LYS B 124 27.10 -10.50 7.94
CA LYS B 124 26.93 -9.22 7.28
C LYS B 124 26.69 -9.38 5.74
N ILE B 125 27.45 -10.26 5.14
CA ILE B 125 27.35 -10.50 3.66
C ILE B 125 26.05 -11.19 3.37
N ASN B 126 25.59 -12.11 4.22
CA ASN B 126 24.27 -12.77 4.02
C ASN B 126 23.17 -11.71 4.04
N VAL B 127 23.10 -10.97 5.11
CA VAL B 127 22.13 -9.87 5.19
C VAL B 127 22.25 -8.99 4.06
N SER B 128 23.48 -8.68 3.74
CA SER B 128 23.70 -7.87 2.61
C SER B 128 23.26 -8.44 1.31
N TYR B 129 23.26 -9.75 1.16
CA TYR B 129 22.92 -10.30 -0.12
C TYR B 129 21.42 -10.05 -0.32
N ALA B 130 20.63 -10.17 0.73
CA ALA B 130 19.25 -9.89 0.61
C ALA B 130 18.99 -8.49 0.28
N LEU B 131 19.70 -7.56 0.93
CA LEU B 131 19.51 -6.13 0.53
C LEU B 131 19.78 -5.91 -0.96
N GLU B 132 20.72 -6.69 -1.44
CA GLU B 132 21.12 -6.53 -2.88
C GLU B 132 20.03 -7.06 -3.72
N GLU B 133 19.39 -8.14 -3.34
CA GLU B 133 18.26 -8.55 -4.10
C GLU B 133 17.06 -7.63 -4.01
N ILE B 134 16.83 -7.05 -2.88
CA ILE B 134 15.77 -6.04 -2.75
C ILE B 134 16.06 -4.93 -3.68
N ALA B 135 17.30 -4.47 -3.70
CA ALA B 135 17.69 -3.32 -4.46
C ALA B 135 17.54 -3.62 -5.90
N LYS B 136 17.86 -4.85 -6.29
CA LYS B 136 17.65 -5.23 -7.69
C LYS B 136 16.20 -5.43 -8.03
N ALA B 137 15.39 -5.98 -7.16
CA ALA B 137 14.06 -6.36 -7.59
C ALA B 137 13.18 -5.13 -7.66
N ASN B 138 13.44 -4.11 -6.79
CA ASN B 138 12.57 -2.90 -6.66
C ASN B 138 13.33 -1.69 -6.19
N PRO B 139 14.05 -1.05 -7.12
CA PRO B 139 14.88 0.12 -6.89
C PRO B 139 14.18 1.21 -6.13
N MET B 140 12.95 1.50 -6.54
CA MET B 140 12.23 2.53 -5.85
C MET B 140 12.11 2.16 -4.40
N LEU B 141 11.71 0.95 -4.08
CA LEU B 141 11.49 0.57 -2.72
C LEU B 141 12.82 0.67 -1.87
N MET B 142 13.92 0.32 -2.50
CA MET B 142 15.19 0.35 -1.87
C MET B 142 15.45 1.76 -1.48
N ALA B 143 15.09 2.74 -2.28
CA ALA B 143 15.57 4.11 -2.10
C ALA B 143 14.74 4.50 -0.94
N SER B 144 13.55 3.99 -0.87
CA SER B 144 12.71 4.46 0.27
C SER B 144 13.24 3.93 1.61
N ILE B 145 13.69 2.68 1.61
CA ILE B 145 14.29 2.04 2.76
C ILE B 145 15.52 2.86 3.16
N VAL B 146 16.35 3.23 2.21
CA VAL B 146 17.63 3.87 2.45
C VAL B 146 17.35 5.18 3.08
N ARG B 147 16.33 5.84 2.56
CA ARG B 147 16.14 7.23 3.02
C ARG B 147 15.72 7.19 4.46
N ASP B 148 14.90 6.21 4.82
CA ASP B 148 14.48 6.03 6.19
C ASP B 148 15.60 5.69 7.10
N PHE B 149 16.54 4.92 6.71
CA PHE B 149 17.70 4.69 7.66
C PHE B 149 18.54 6.04 7.71
N MET B 150 18.57 6.77 6.63
CA MET B 150 19.41 7.94 6.60
C MET B 150 18.87 9.06 7.43
N SER B 151 17.58 9.00 7.67
CA SER B 151 17.01 10.05 8.45
C SER B 151 17.42 9.82 9.96
N MET B 152 17.89 8.62 10.29
CA MET B 152 18.21 8.33 11.69
C MET B 152 19.68 8.80 11.94
N LEU B 153 20.50 9.08 10.90
CA LEU B 153 21.72 9.84 11.01
C LEU B 153 21.67 11.15 11.71
N SER B 154 20.55 11.88 11.52
CA SER B 154 20.19 13.15 12.23
C SER B 154 19.53 12.96 13.56
N SER B 155 19.20 11.73 13.90
CA SER B 155 18.58 11.48 15.22
C SER B 155 19.41 12.04 16.41
N LYS B 156 18.72 12.39 17.46
CA LYS B 156 19.39 12.81 18.71
C LYS B 156 19.80 11.63 19.60
N ASN B 157 19.33 10.44 19.27
CA ASN B 157 19.58 9.29 20.11
C ASN B 157 20.70 8.52 19.51
N ARG B 158 21.59 8.06 20.33
CA ARG B 158 22.77 7.56 19.80
C ARG B 158 22.51 6.22 19.19
N GLU B 159 21.59 5.45 19.68
CA GLU B 159 21.27 4.11 19.03
C GLU B 159 20.71 4.04 17.63
N ASP B 160 20.02 5.12 17.27
CA ASP B 160 19.51 5.37 16.00
C ASP B 160 20.64 5.65 15.03
N LYS B 161 21.59 6.51 15.45
CA LYS B 161 22.78 6.73 14.62
C LYS B 161 23.52 5.48 14.35
N LEU B 162 23.73 4.67 15.36
CA LEU B 162 24.53 3.44 15.14
C LEU B 162 23.68 2.42 14.31
N THR B 163 22.36 2.29 14.55
CA THR B 163 21.59 1.42 13.59
C THR B 163 21.73 1.85 12.13
N ALA B 164 21.58 3.13 11.91
CA ALA B 164 21.88 3.73 10.53
C ALA B 164 23.28 3.49 10.00
N LEU B 165 24.34 3.57 10.88
CA LEU B 165 25.69 3.33 10.43
C LEU B 165 25.91 1.86 10.11
N ASN B 166 25.24 0.94 10.86
CA ASN B 166 25.41 -0.56 10.71
C ASN B 166 24.74 -0.95 9.46
N PHE B 167 23.62 -0.25 9.14
CA PHE B 167 22.90 -0.60 7.90
C PHE B 167 23.76 -0.20 6.75
N ILE B 168 24.45 0.91 6.78
CA ILE B 168 25.38 1.26 5.71
C ILE B 168 26.38 0.16 5.55
N GLU B 169 26.79 -0.49 6.64
CA GLU B 169 27.86 -1.52 6.52
C GLU B 169 27.39 -2.76 5.82
N ALA B 170 26.06 -2.78 5.64
CA ALA B 170 25.41 -4.00 5.06
C ALA B 170 25.07 -3.69 3.63
N MET B 171 25.42 -2.52 3.16
CA MET B 171 25.33 -2.20 1.84
C MET B 171 26.35 -2.86 0.91
N GLY B 172 25.96 -3.09 -0.31
CA GLY B 172 26.76 -3.74 -1.37
C GLY B 172 26.81 -2.85 -2.63
N GLU B 173 27.42 -3.38 -3.69
CA GLU B 173 27.64 -2.73 -4.98
C GLU B 173 26.45 -2.23 -5.63
N ASN B 174 25.31 -2.94 -5.67
CA ASN B 174 24.00 -2.36 -6.17
C ASN B 174 23.20 -1.42 -5.26
N SER B 175 23.46 -1.37 -3.97
CA SER B 175 22.87 -0.32 -3.08
C SER B 175 23.70 0.96 -2.97
N PHE B 176 24.98 0.87 -3.29
CA PHE B 176 25.90 2.03 -3.15
C PHE B 176 25.22 3.26 -3.77
N LYS B 177 24.61 3.05 -4.90
CA LYS B 177 23.97 4.17 -5.58
C LYS B 177 22.99 4.89 -4.71
N TYR B 178 22.40 4.21 -3.80
CA TYR B 178 21.42 4.90 -2.91
C TYR B 178 22.02 5.56 -1.71
N VAL B 179 23.20 5.13 -1.30
CA VAL B 179 23.81 5.73 -0.11
C VAL B 179 24.67 6.90 -0.43
N ASN B 180 25.27 6.83 -1.58
CA ASN B 180 26.19 7.84 -1.98
C ASN B 180 25.67 9.31 -1.81
N PRO B 181 24.40 9.58 -2.18
CA PRO B 181 23.80 10.95 -2.01
C PRO B 181 23.87 11.49 -0.57
N PHE B 182 23.85 10.58 0.44
CA PHE B 182 23.78 11.03 1.83
C PHE B 182 25.15 10.97 2.44
N LEU B 183 26.14 10.75 1.63
CA LEU B 183 27.43 10.76 2.13
C LEU B 183 27.76 11.90 3.04
N PRO B 184 27.44 13.16 2.68
CA PRO B 184 27.72 14.36 3.58
C PRO B 184 27.12 14.31 4.99
N ARG B 185 26.02 13.60 5.18
CA ARG B 185 25.41 13.40 6.43
C ARG B 185 26.13 12.30 7.15
N ILE B 186 26.76 11.35 6.45
CA ILE B 186 27.48 10.27 7.10
C ILE B 186 28.68 10.87 7.70
N ILE B 187 29.37 11.68 6.90
CA ILE B 187 30.61 12.38 7.29
C ILE B 187 30.38 13.31 8.44
N ASN B 188 29.23 13.92 8.49
CA ASN B 188 28.98 14.78 9.58
C ASN B 188 29.14 14.15 10.95
N LEU B 189 28.81 12.88 11.03
CA LEU B 189 28.97 12.13 12.29
C LEU B 189 30.45 12.05 12.70
N LEU B 190 31.41 12.31 11.84
CA LEU B 190 32.76 12.34 12.37
C LEU B 190 33.02 13.51 13.31
N HIS B 191 31.98 14.32 13.59
CA HIS B 191 32.00 15.44 14.49
C HIS B 191 31.06 15.24 15.60
N ASP B 192 30.45 14.07 15.75
CA ASP B 192 29.54 13.76 16.87
C ASP B 192 30.33 13.72 18.15
N GLY B 193 29.70 14.24 19.20
CA GLY B 193 30.12 14.24 20.55
C GLY B 193 30.60 12.91 21.17
N ASP B 194 29.94 11.86 20.73
CA ASP B 194 30.11 10.50 21.20
C ASP B 194 31.12 9.77 20.37
N GLU B 195 32.23 9.38 21.01
CA GLU B 195 33.33 8.67 20.32
C GLU B 195 32.94 7.37 19.78
N ILE B 196 31.95 6.71 20.38
CA ILE B 196 31.42 5.49 19.77
C ILE B 196 30.77 5.77 18.47
N VAL B 197 30.10 6.90 18.36
CA VAL B 197 29.42 7.33 17.11
C VAL B 197 30.51 7.67 16.09
N ARG B 198 31.54 8.46 16.44
CA ARG B 198 32.58 8.81 15.52
C ARG B 198 33.20 7.57 14.92
N ALA B 199 33.62 6.69 15.83
CA ALA B 199 34.17 5.37 15.39
C ALA B 199 33.28 4.59 14.43
N SER B 200 32.04 4.53 14.72
CA SER B 200 31.14 3.79 13.79
C SER B 200 31.02 4.52 12.48
N ALA B 201 31.10 5.88 12.52
CA ALA B 201 31.03 6.56 11.26
C ALA B 201 32.22 6.23 10.39
N VAL B 202 33.42 6.24 10.95
CA VAL B 202 34.64 5.87 10.20
C VAL B 202 34.42 4.44 9.67
N GLU B 203 33.88 3.49 10.51
CA GLU B 203 33.65 2.11 9.99
C GLU B 203 32.73 2.12 8.77
N ALA B 204 31.66 2.92 8.82
CA ALA B 204 30.68 2.98 7.68
C ALA B 204 31.36 3.51 6.49
N LEU B 205 32.08 4.61 6.65
CA LEU B 205 32.76 5.21 5.46
C LEU B 205 33.86 4.30 4.86
N VAL B 206 34.71 3.71 5.67
CA VAL B 206 35.62 2.68 5.15
C VAL B 206 34.82 1.65 4.36
N HIS B 207 33.71 1.13 4.95
CA HIS B 207 32.99 0.06 4.19
C HIS B 207 32.50 0.64 2.89
N LEU B 208 31.84 1.80 2.87
CA LEU B 208 31.48 2.34 1.52
C LEU B 208 32.69 2.61 0.66
N ALA B 209 33.88 2.82 1.27
CA ALA B 209 35.07 2.94 0.49
C ALA B 209 35.53 1.65 -0.19
N THR B 210 35.23 0.53 0.38
CA THR B 210 35.54 -0.77 -0.30
C THR B 210 34.70 -1.05 -1.56
N LEU B 211 33.45 -0.44 -1.58
CA LEU B 211 32.54 -0.55 -2.68
C LEU B 211 32.76 0.38 -3.92
N ASN B 212 33.58 1.43 -3.85
CA ASN B 212 33.77 2.32 -4.99
C ASN B 212 35.17 2.92 -5.02
N ASP B 213 35.80 2.94 -6.18
CA ASP B 213 37.16 3.38 -6.38
C ASP B 213 37.44 4.82 -6.12
N LYS B 214 36.53 5.68 -6.55
CA LYS B 214 36.60 7.08 -6.30
C LYS B 214 36.43 7.50 -4.83
N LEU B 215 35.33 7.11 -4.22
CA LEU B 215 35.14 7.38 -2.81
C LEU B 215 36.31 6.90 -2.00
N ARG B 216 36.91 5.77 -2.40
CA ARG B 216 38.01 5.23 -1.65
C ARG B 216 39.15 6.21 -1.50
N LYS B 217 39.50 6.91 -2.55
CA LYS B 217 40.44 8.09 -2.47
C LYS B 217 40.03 9.29 -1.58
N VAL B 218 38.80 9.75 -1.68
CA VAL B 218 38.23 10.74 -0.80
C VAL B 218 38.45 10.31 0.70
N VAL B 219 37.99 9.05 0.99
CA VAL B 219 37.87 8.60 2.39
C VAL B 219 39.19 8.50 2.91
N ILE B 220 40.05 7.89 2.19
CA ILE B 220 41.37 7.81 2.66
C ILE B 220 42.00 9.21 2.99
N LYS B 221 41.76 10.26 2.16
CA LYS B 221 42.41 11.51 2.42
C LYS B 221 41.63 12.15 3.57
N ARG B 222 40.30 11.93 3.64
CA ARG B 222 39.59 12.51 4.74
C ARG B 222 39.98 11.91 6.10
N LEU B 223 40.32 10.63 6.19
CA LEU B 223 40.65 9.99 7.42
C LEU B 223 42.00 10.36 7.78
N GLU B 224 42.89 10.58 6.84
CA GLU B 224 44.24 11.22 7.15
C GLU B 224 44.14 12.67 7.75
N GLU B 225 43.02 13.43 7.56
CA GLU B 225 42.78 14.80 8.08
C GLU B 225 41.87 14.72 9.35
N LEU B 226 42.05 13.62 10.14
CA LEU B 226 41.25 13.37 11.38
C LEU B 226 42.20 13.02 12.52
N ASN B 227 42.10 13.86 13.54
CA ASN B 227 42.87 13.73 14.74
C ASN B 227 41.78 13.72 15.80
N ASP B 228 41.96 12.85 16.83
CA ASP B 228 40.88 12.67 17.81
C ASP B 228 41.51 12.39 19.18
N THR B 229 40.89 12.80 20.30
CA THR B 229 41.44 12.48 21.61
C THR B 229 41.09 10.97 21.95
N SER B 230 40.20 10.31 21.18
CA SER B 230 39.76 9.01 21.50
C SER B 230 40.66 7.95 20.91
N SER B 231 41.19 7.08 21.79
CA SER B 231 42.07 6.07 21.32
C SER B 231 41.33 5.02 20.48
N LEU B 232 40.03 4.94 20.68
CA LEU B 232 39.17 4.00 19.89
C LEU B 232 39.02 4.56 18.44
N VAL B 233 38.68 5.84 18.30
CA VAL B 233 38.66 6.44 17.02
C VAL B 233 39.99 6.32 16.28
N ASN B 234 41.05 6.73 16.91
CA ASN B 234 42.41 6.60 16.36
C ASN B 234 42.71 5.22 15.90
N LYS B 235 42.35 4.27 16.71
CA LYS B 235 42.69 2.81 16.39
C LYS B 235 41.83 2.46 15.17
N THR B 236 40.57 2.90 15.19
CA THR B 236 39.68 2.56 14.04
C THR B 236 40.10 3.25 12.77
N VAL B 237 40.69 4.44 12.86
CA VAL B 237 41.19 5.19 11.68
C VAL B 237 42.43 4.52 11.13
N LYS B 238 43.34 4.09 11.96
CA LYS B 238 44.52 3.49 11.47
C LYS B 238 44.17 2.11 10.85
N GLU B 239 43.32 1.31 11.48
CA GLU B 239 42.96 0.05 10.83
C GLU B 239 42.22 0.31 9.53
N GLY B 240 41.40 1.36 9.47
CA GLY B 240 40.67 1.61 8.27
C GLY B 240 41.51 2.08 7.13
N ILE B 241 42.50 2.88 7.44
CA ILE B 241 43.35 3.46 6.38
C ILE B 241 44.12 2.31 5.80
N SER B 242 44.36 1.38 6.67
CA SER B 242 45.24 0.32 6.28
C SER B 242 44.38 -0.66 5.49
N ARG B 243 43.21 -1.06 5.97
CA ARG B 243 42.39 -1.89 5.12
C ARG B 243 42.24 -1.25 3.74
N LEU B 244 42.14 0.10 3.59
CA LEU B 244 41.88 0.65 2.23
C LEU B 244 43.01 0.75 1.28
N LEU B 245 44.23 0.85 1.78
CA LEU B 245 45.44 0.85 0.97
C LEU B 245 45.75 -0.57 0.59
N LEU B 246 45.30 -1.53 1.39
CA LEU B 246 45.45 -2.90 0.98
C LEU B 246 44.50 -3.22 -0.23
N LEU B 247 43.44 -2.42 -0.45
CA LEU B 247 42.47 -2.63 -1.53
C LEU B 247 42.90 -1.82 -2.72
N GLU B 248 43.52 -0.72 -2.42
CA GLU B 248 44.27 0.00 -3.41
C GLU B 248 45.39 -0.97 -3.87
#